data_4OWF
#
_entry.id   4OWF
#
_cell.length_a   81.410
_cell.length_b   81.410
_cell.length_c   74.501
_cell.angle_alpha   90.00
_cell.angle_beta   90.00
_cell.angle_gamma   120.00
#
_symmetry.space_group_name_H-M   'P 65'
#
loop_
_entity.id
_entity.type
_entity.pdbx_description
1 polymer 'NF-kappa-B essential modulator'
2 polymer 'E3 ubiquitin-protein ligase RNF31'
3 non-polymer 'ZINC ION'
4 water water
#
loop_
_entity_poly.entity_id
_entity_poly.type
_entity_poly.pdbx_seq_one_letter_code
_entity_poly.pdbx_strand_id
1 'polypeptide(L)'
;GMQLEDLRQQLQQAEEALVAKQELIDKLKEEAEQHKIVMETVPVLKAQADIYKADFQAERHAREKLVEKKEYLQEQLEQL
QREFNKLKVG
;
A,B
2 'polypeptide(L)' ARGRWACQSCTFENEAAAVLCSICERPRLA G
#
loop_
_chem_comp.id
_chem_comp.type
_chem_comp.name
_chem_comp.formula
ZN non-polymer 'ZINC ION' 'Zn 2'
#
# COMPACT_ATOMS: atom_id res chain seq x y z
N GLN A 3 -7.71 -20.49 50.51
CA GLN A 3 -8.79 -20.43 49.49
C GLN A 3 -9.17 -18.99 49.16
N LEU A 4 -9.38 -18.19 50.20
CA LEU A 4 -9.89 -16.85 50.04
C LEU A 4 -8.82 -15.87 49.60
N GLU A 5 -7.64 -15.96 50.20
CA GLU A 5 -6.54 -15.09 49.77
C GLU A 5 -6.00 -15.49 48.39
N ASP A 6 -6.22 -16.75 47.98
CA ASP A 6 -5.95 -17.21 46.62
C ASP A 6 -6.84 -16.44 45.63
N LEU A 7 -8.12 -16.41 45.92
CA LEU A 7 -9.07 -15.63 45.12
C LEU A 7 -8.77 -14.15 45.06
N ARG A 8 -8.51 -13.55 46.22
CA ARG A 8 -8.07 -12.18 46.24
C ARG A 8 -6.88 -11.96 45.33
N GLN A 9 -5.90 -12.85 45.34
CA GLN A 9 -4.70 -12.63 44.51
C GLN A 9 -4.99 -12.94 43.03
N GLN A 10 -5.85 -13.90 42.73
CA GLN A 10 -6.35 -14.09 41.38
C GLN A 10 -7.08 -12.83 40.89
N LEU A 11 -7.91 -12.26 41.75
CA LEU A 11 -8.67 -11.04 41.36
C LEU A 11 -7.72 -9.92 41.01
N GLN A 12 -6.75 -9.63 41.87
CA GLN A 12 -5.71 -8.66 41.59
C GLN A 12 -4.96 -8.90 40.22
N GLN A 13 -4.65 -10.14 39.86
CA GLN A 13 -4.00 -10.44 38.56
C GLN A 13 -4.93 -10.14 37.39
N ALA A 14 -6.21 -10.41 37.58
CA ALA A 14 -7.21 -10.13 36.59
C ALA A 14 -7.38 -8.63 36.36
N GLU A 15 -7.28 -7.85 37.44
CA GLU A 15 -7.28 -6.42 37.36
C GLU A 15 -6.08 -5.85 36.62
N GLU A 16 -4.88 -6.33 36.94
CA GLU A 16 -3.67 -5.94 36.19
C GLU A 16 -3.71 -6.38 34.71
N ALA A 17 -4.27 -7.54 34.46
CA ALA A 17 -4.45 -8.02 33.07
C ALA A 17 -5.46 -7.14 32.30
N LEU A 18 -6.56 -6.76 32.93
CA LEU A 18 -7.47 -5.77 32.28
C LEU A 18 -6.72 -4.54 31.85
N VAL A 19 -5.96 -3.97 32.76
CA VAL A 19 -5.15 -2.79 32.48
C VAL A 19 -4.15 -3.03 31.32
N ALA A 20 -3.45 -4.18 31.29
CA ALA A 20 -2.36 -4.43 30.31
C ALA A 20 -2.95 -4.71 28.92
N LYS A 21 -4.14 -5.27 28.90
CA LYS A 21 -4.90 -5.45 27.67
C LYS A 21 -5.38 -4.13 27.12
N GLN A 22 -5.91 -3.29 27.99
CA GLN A 22 -6.37 -1.96 27.53
C GLN A 22 -5.19 -1.13 27.01
N GLU A 23 -4.01 -1.21 27.62
CA GLU A 23 -2.86 -0.46 27.08
C GLU A 23 -2.41 -0.99 25.71
N LEU A 24 -2.50 -2.29 25.50
CA LEU A 24 -2.30 -2.86 24.17
C LEU A 24 -3.32 -2.33 23.17
N ILE A 25 -4.59 -2.34 23.55
CA ILE A 25 -5.63 -1.76 22.70
C ILE A 25 -5.35 -0.29 22.38
N ASP A 26 -5.02 0.51 23.39
CA ASP A 26 -4.70 1.91 23.16
C ASP A 26 -3.49 2.05 22.20
N LYS A 27 -2.44 1.24 22.40
CA LYS A 27 -1.28 1.28 21.50
C LYS A 27 -1.63 0.87 20.06
N LEU A 28 -2.50 -0.12 19.91
CA LEU A 28 -2.97 -0.56 18.59
C LEU A 28 -3.79 0.50 17.90
N LYS A 29 -4.64 1.16 18.67
CA LYS A 29 -5.46 2.28 18.17
C LYS A 29 -4.61 3.47 17.65
N GLU A 30 -3.59 3.86 18.38
CA GLU A 30 -2.76 5.02 17.95
C GLU A 30 -1.88 4.66 16.76
N GLU A 31 -1.45 3.40 16.66
CA GLU A 31 -0.82 2.88 15.44
C GLU A 31 -1.74 2.97 14.21
N ALA A 32 -2.98 2.50 14.35
CA ALA A 32 -3.96 2.58 13.25
C ALA A 32 -4.12 4.04 12.80
N GLU A 33 -4.12 4.97 13.75
CA GLU A 33 -4.12 6.41 13.45
C GLU A 33 -2.98 6.86 12.53
N GLN A 34 -1.74 6.58 12.90
CA GLN A 34 -0.61 6.96 12.04
C GLN A 34 -0.59 6.14 10.71
N HIS A 35 -1.07 4.89 10.72
CA HIS A 35 -1.20 4.09 9.51
C HIS A 35 -2.27 4.60 8.56
N LYS A 36 -3.33 5.22 9.09
CA LYS A 36 -4.38 5.83 8.26
C LYS A 36 -3.80 6.97 7.42
N ILE A 37 -2.90 7.76 8.01
CA ILE A 37 -2.22 8.87 7.30
C ILE A 37 -1.48 8.30 6.09
N VAL A 38 -0.60 7.32 6.35
CA VAL A 38 0.21 6.65 5.32
C VAL A 38 -0.63 6.04 4.23
N MET A 39 -1.77 5.46 4.59
CA MET A 39 -2.64 4.83 3.59
C MET A 39 -3.41 5.87 2.78
N GLU A 40 -3.62 7.05 3.33
CA GLU A 40 -4.30 8.09 2.58
C GLU A 40 -3.40 8.78 1.53
N THR A 41 -2.09 8.55 1.57
CA THR A 41 -1.21 8.92 0.45
C THR A 41 -1.34 8.01 -0.77
N VAL A 42 -1.93 6.84 -0.60
CA VAL A 42 -1.89 5.82 -1.63
C VAL A 42 -2.61 6.18 -2.92
N PRO A 43 -3.85 6.69 -2.83
CA PRO A 43 -4.56 7.04 -4.06
C PRO A 43 -3.81 8.09 -4.90
N VAL A 44 -3.13 9.02 -4.24
CA VAL A 44 -2.37 10.05 -4.91
C VAL A 44 -1.13 9.47 -5.65
N LEU A 45 -0.45 8.56 -4.97
CA LEU A 45 0.69 7.86 -5.57
C LEU A 45 0.23 6.97 -6.72
N LYS A 46 -0.97 6.45 -6.61
CA LYS A 46 -1.53 5.62 -7.68
C LYS A 46 -1.83 6.50 -8.88
N ALA A 47 -2.47 7.62 -8.64
CA ALA A 47 -2.84 8.53 -9.71
C ALA A 47 -1.56 9.13 -10.37
N GLN A 48 -0.52 9.32 -9.59
CA GLN A 48 0.76 9.76 -10.11
C GLN A 48 1.36 8.75 -11.04
N ALA A 49 1.38 7.49 -10.62
CA ALA A 49 1.92 6.46 -11.49
C ALA A 49 1.09 6.42 -12.77
N ASP A 50 -0.23 6.59 -12.64
CA ASP A 50 -1.12 6.50 -13.81
C ASP A 50 -0.81 7.60 -14.83
N ILE A 51 -0.56 8.81 -14.33
CA ILE A 51 -0.32 9.99 -15.19
C ILE A 51 0.99 9.87 -15.96
N TYR A 52 2.06 9.40 -15.30
CA TYR A 52 3.35 9.16 -15.95
C TYR A 52 3.27 8.05 -16.97
N LYS A 53 2.58 6.96 -16.63
CA LYS A 53 2.29 5.89 -17.60
C LYS A 53 1.62 6.44 -18.85
N ALA A 54 0.55 7.21 -18.66
CA ALA A 54 -0.19 7.82 -19.81
C ALA A 54 0.68 8.80 -20.61
N ASP A 55 1.43 9.65 -19.91
CA ASP A 55 2.39 10.52 -20.56
C ASP A 55 3.48 9.77 -21.31
N PHE A 56 3.98 8.68 -20.74
CA PHE A 56 4.96 7.83 -21.43
C PHE A 56 4.37 7.13 -22.64
N GLN A 57 3.16 6.60 -22.55
CA GLN A 57 2.57 5.88 -23.68
C GLN A 57 2.23 6.82 -24.86
N ALA A 58 1.59 7.95 -24.56
CA ALA A 58 1.37 9.01 -25.56
C ALA A 58 2.67 9.53 -26.18
N GLU A 59 3.71 9.71 -25.37
CA GLU A 59 5.01 10.12 -25.90
C GLU A 59 5.63 9.10 -26.85
N ARG A 60 5.69 7.83 -26.42
CA ARG A 60 6.23 6.75 -27.24
C ARG A 60 5.52 6.69 -28.58
N HIS A 61 4.19 6.62 -28.53
CA HIS A 61 3.36 6.59 -29.74
C HIS A 61 3.62 7.80 -30.66
N ALA A 62 3.63 9.01 -30.10
CA ALA A 62 3.92 10.19 -30.89
C ALA A 62 5.32 10.10 -31.53
N ARG A 63 6.31 9.57 -30.78
CA ARG A 63 7.67 9.42 -31.30
C ARG A 63 7.77 8.37 -32.44
N GLU A 64 7.12 7.21 -32.31
CA GLU A 64 7.13 6.18 -33.37
C GLU A 64 6.42 6.71 -34.63
N LYS A 65 5.34 7.47 -34.47
CA LYS A 65 4.67 8.11 -35.61
C LYS A 65 5.61 9.04 -36.35
N LEU A 66 6.31 9.88 -35.58
CA LEU A 66 7.19 10.88 -36.12
C LEU A 66 8.41 10.27 -36.86
N VAL A 67 8.87 9.10 -36.43
CA VAL A 67 9.97 8.44 -37.13
C VAL A 67 9.47 7.94 -38.49
N GLU A 68 8.24 7.43 -38.51
CA GLU A 68 7.59 7.00 -39.75
C GLU A 68 7.28 8.14 -40.73
N LYS A 69 6.82 9.31 -40.21
CA LYS A 69 6.59 10.52 -40.99
C LYS A 69 7.89 11.09 -41.59
N LYS A 70 8.96 11.06 -40.82
CA LYS A 70 10.28 11.52 -41.28
C LYS A 70 10.78 10.66 -42.44
N GLU A 71 10.72 9.35 -42.28
CA GLU A 71 11.03 8.45 -43.35
C GLU A 71 10.16 8.77 -44.58
N TYR A 72 8.88 9.04 -44.34
CA TYR A 72 7.92 9.26 -45.42
C TYR A 72 8.24 10.52 -46.22
N LEU A 73 8.45 11.64 -45.52
CA LEU A 73 8.88 12.90 -46.12
C LEU A 73 10.21 12.79 -46.91
N GLN A 74 11.16 12.03 -46.37
CA GLN A 74 12.43 11.81 -47.04
C GLN A 74 12.21 11.06 -48.37
N GLU A 75 11.34 10.07 -48.39
CA GLU A 75 11.01 9.40 -49.66
C GLU A 75 10.28 10.32 -50.65
N GLN A 76 9.49 11.25 -50.14
CA GLN A 76 8.77 12.18 -51.01
C GLN A 76 9.72 13.21 -51.59
N LEU A 77 10.68 13.66 -50.80
CA LEU A 77 11.69 14.59 -51.27
C LEU A 77 12.48 13.93 -52.42
N GLU A 78 12.90 12.68 -52.23
CA GLU A 78 13.60 11.93 -53.29
C GLU A 78 12.77 11.62 -54.55
N GLN A 79 11.48 11.30 -54.38
CA GLN A 79 10.60 10.98 -55.53
C GLN A 79 10.22 12.23 -56.30
N LEU A 80 10.08 13.33 -55.58
CA LEU A 80 9.85 14.62 -56.20
C LEU A 80 11.09 15.12 -56.97
N GLN A 81 12.28 14.74 -56.52
CA GLN A 81 13.49 14.97 -57.33
C GLN A 81 13.47 14.16 -58.65
N ARG A 82 13.27 12.84 -58.56
CA ARG A 82 13.15 11.97 -59.76
C ARG A 82 12.15 12.55 -60.78
N GLU A 83 11.00 13.01 -60.28
CA GLU A 83 9.99 13.63 -61.13
C GLU A 83 10.45 15.00 -61.66
N PHE A 84 11.31 15.66 -60.90
CA PHE A 84 11.94 16.93 -61.29
C PHE A 84 12.75 16.75 -62.57
N ASN A 85 13.48 15.65 -62.65
CA ASN A 85 14.47 15.43 -63.71
C ASN A 85 13.97 14.55 -64.85
N MET B 2 -20.77 -15.33 52.77
CA MET B 2 -20.92 -14.32 51.66
C MET B 2 -19.65 -14.05 50.83
N GLN B 3 -18.54 -13.82 51.52
CA GLN B 3 -17.35 -13.25 50.88
C GLN B 3 -16.82 -14.06 49.71
N LEU B 4 -16.91 -15.38 49.84
CA LEU B 4 -16.43 -16.33 48.85
C LEU B 4 -17.18 -16.29 47.51
N GLU B 5 -18.51 -16.27 47.53
CA GLU B 5 -19.26 -16.26 46.26
C GLU B 5 -19.19 -14.90 45.58
N ASP B 6 -19.10 -13.83 46.37
CA ASP B 6 -18.96 -12.47 45.87
C ASP B 6 -17.61 -12.24 45.14
N LEU B 7 -16.53 -12.79 45.70
CA LEU B 7 -15.22 -12.68 45.08
C LEU B 7 -15.21 -13.45 43.80
N ARG B 8 -15.84 -14.61 43.84
CA ARG B 8 -15.93 -15.47 42.69
C ARG B 8 -16.71 -14.83 41.55
N GLN B 9 -17.78 -14.12 41.91
CA GLN B 9 -18.53 -13.32 40.97
C GLN B 9 -17.65 -12.21 40.34
N GLN B 10 -16.86 -11.49 41.15
CA GLN B 10 -15.99 -10.46 40.60
C GLN B 10 -14.97 -11.06 39.63
N LEU B 11 -14.45 -12.23 39.98
CA LEU B 11 -13.42 -12.87 39.21
C LEU B 11 -13.97 -13.27 37.85
N GLN B 12 -15.16 -13.88 37.85
CA GLN B 12 -15.85 -14.27 36.63
C GLN B 12 -16.13 -13.04 35.76
N GLN B 13 -16.47 -11.93 36.42
CA GLN B 13 -16.75 -10.72 35.66
C GLN B 13 -15.50 -10.25 34.98
N ALA B 14 -14.40 -10.18 35.74
CA ALA B 14 -13.07 -9.82 35.19
C ALA B 14 -12.64 -10.74 34.07
N GLU B 15 -12.84 -12.06 34.25
CA GLU B 15 -12.40 -13.03 33.30
C GLU B 15 -13.17 -12.94 31.99
N GLU B 16 -14.46 -12.64 32.08
CA GLU B 16 -15.30 -12.41 30.91
C GLU B 16 -14.96 -11.09 30.21
N ALA B 17 -14.69 -10.05 30.99
CA ALA B 17 -14.23 -8.78 30.42
C ALA B 17 -12.86 -8.98 29.68
N LEU B 18 -12.00 -9.85 30.18
CA LEU B 18 -10.73 -10.09 29.48
C LEU B 18 -10.97 -10.74 28.09
N VAL B 19 -12.01 -11.53 27.97
CA VAL B 19 -12.40 -12.08 26.69
C VAL B 19 -12.82 -10.95 25.73
N ALA B 20 -13.61 -9.98 26.21
CA ALA B 20 -14.10 -8.89 25.39
C ALA B 20 -12.93 -8.02 24.98
N LYS B 21 -11.98 -7.81 25.89
CA LYS B 21 -10.76 -7.13 25.55
C LYS B 21 -9.95 -7.90 24.47
N GLN B 22 -9.79 -9.22 24.64
CA GLN B 22 -9.04 -9.97 23.66
C GLN B 22 -9.68 -9.93 22.27
N GLU B 23 -11.00 -9.96 22.23
CA GLU B 23 -11.81 -9.86 21.00
C GLU B 23 -11.56 -8.56 20.20
N LEU B 24 -11.42 -7.46 20.92
CA LEU B 24 -11.13 -6.18 20.28
C LEU B 24 -9.66 -6.18 19.81
N ILE B 25 -8.76 -6.67 20.65
CA ILE B 25 -7.37 -6.78 20.26
C ILE B 25 -7.24 -7.58 18.94
N ASP B 26 -7.94 -8.72 18.88
CA ASP B 26 -7.87 -9.62 17.76
C ASP B 26 -8.36 -8.97 16.48
N LYS B 27 -9.44 -8.21 16.60
CA LYS B 27 -9.98 -7.45 15.46
C LYS B 27 -9.03 -6.32 15.01
N LEU B 28 -8.44 -5.61 15.96
CA LEU B 28 -7.43 -4.60 15.66
C LEU B 28 -6.17 -5.13 15.01
N LYS B 29 -5.72 -6.31 15.45
CA LYS B 29 -4.55 -6.92 14.85
C LYS B 29 -4.82 -7.36 13.42
N GLU B 30 -6.05 -7.76 13.16
CA GLU B 30 -6.47 -8.25 11.84
C GLU B 30 -6.53 -7.06 10.90
N GLU B 31 -7.17 -5.98 11.34
CA GLU B 31 -7.14 -4.71 10.59
C GLU B 31 -5.70 -4.22 10.37
N ALA B 32 -4.81 -4.41 11.34
CA ALA B 32 -3.39 -4.01 11.16
C ALA B 32 -2.64 -4.83 10.12
N GLU B 33 -3.01 -6.11 9.99
CA GLU B 33 -2.53 -6.94 8.89
C GLU B 33 -3.04 -6.37 7.57
N GLN B 34 -4.34 -6.12 7.50
CA GLN B 34 -4.91 -5.50 6.32
C GLN B 34 -4.20 -4.21 5.97
N HIS B 35 -3.91 -3.37 6.97
CA HIS B 35 -3.26 -2.07 6.72
C HIS B 35 -1.86 -2.23 6.22
N LYS B 36 -1.09 -3.13 6.83
CA LYS B 36 0.30 -3.31 6.47
C LYS B 36 0.47 -3.67 4.98
N ILE B 37 -0.45 -4.43 4.43
CA ILE B 37 -0.38 -4.80 3.01
C ILE B 37 -0.56 -3.56 2.14
N VAL B 38 -1.58 -2.75 2.43
CA VAL B 38 -1.80 -1.48 1.71
C VAL B 38 -0.52 -0.64 1.80
N MET B 39 0.00 -0.45 3.00
CA MET B 39 1.19 0.38 3.18
C MET B 39 2.39 -0.17 2.41
N GLU B 40 2.43 -1.48 2.22
CA GLU B 40 3.55 -2.08 1.49
C GLU B 40 3.56 -1.81 -0.01
N THR B 41 2.43 -1.36 -0.55
CA THR B 41 2.39 -0.91 -1.94
C THR B 41 3.06 0.45 -2.16
N VAL B 42 3.30 1.24 -1.11
CA VAL B 42 3.79 2.60 -1.26
C VAL B 42 5.11 2.70 -2.01
N PRO B 43 6.11 1.87 -1.64
CA PRO B 43 7.37 1.97 -2.36
C PRO B 43 7.29 1.41 -3.79
N VAL B 44 6.38 0.46 -4.03
CA VAL B 44 6.13 -0.12 -5.37
C VAL B 44 5.47 0.93 -6.27
N LEU B 45 4.45 1.59 -5.74
CA LEU B 45 3.81 2.66 -6.49
C LEU B 45 4.78 3.79 -6.76
N LYS B 46 5.65 4.08 -5.80
CA LYS B 46 6.66 5.12 -5.97
C LYS B 46 7.74 4.73 -7.00
N ALA B 47 8.24 3.49 -6.93
CA ALA B 47 9.18 2.95 -7.91
C ALA B 47 8.55 2.93 -9.31
N GLN B 48 7.30 2.51 -9.39
CA GLN B 48 6.58 2.47 -10.64
C GLN B 48 6.42 3.85 -11.24
N ALA B 49 6.11 4.87 -10.43
CA ALA B 49 6.00 6.21 -10.96
C ALA B 49 7.34 6.66 -11.49
N ASP B 50 8.42 6.50 -10.70
CA ASP B 50 9.77 6.86 -11.11
C ASP B 50 10.19 6.22 -12.43
N ILE B 51 9.87 4.95 -12.63
CA ILE B 51 10.20 4.24 -13.85
C ILE B 51 9.54 4.87 -15.05
N TYR B 52 8.22 5.06 -14.96
CA TYR B 52 7.45 5.68 -16.04
C TYR B 52 7.84 7.11 -16.25
N LYS B 53 8.20 7.82 -15.18
CA LYS B 53 8.70 9.18 -15.35
C LYS B 53 10.02 9.22 -16.17
N ALA B 54 10.94 8.31 -15.90
CA ALA B 54 12.24 8.32 -16.62
C ALA B 54 12.00 7.90 -18.08
N ASP B 55 11.21 6.86 -18.31
CA ASP B 55 10.87 6.48 -19.69
C ASP B 55 10.13 7.57 -20.45
N PHE B 56 9.20 8.27 -19.81
CA PHE B 56 8.55 9.43 -20.42
C PHE B 56 9.58 10.45 -20.87
N GLN B 57 10.50 10.77 -19.96
CA GLN B 57 11.52 11.79 -20.21
C GLN B 57 12.55 11.40 -21.29
N ALA B 58 12.89 10.12 -21.40
CA ALA B 58 13.75 9.65 -22.51
C ALA B 58 13.00 9.84 -23.84
N GLU B 59 11.72 9.49 -23.86
CA GLU B 59 10.90 9.58 -25.05
C GLU B 59 10.67 11.03 -25.46
N ARG B 60 10.37 11.90 -24.50
CA ARG B 60 10.15 13.33 -24.78
C ARG B 60 11.38 13.98 -25.38
N HIS B 61 12.55 13.60 -24.89
CA HIS B 61 13.83 14.13 -25.35
C HIS B 61 14.08 13.68 -26.78
N ALA B 62 13.81 12.41 -27.07
CA ALA B 62 14.00 11.89 -28.42
C ALA B 62 12.99 12.48 -29.41
N ARG B 63 11.77 12.70 -28.96
CA ARG B 63 10.70 13.24 -29.81
C ARG B 63 10.94 14.71 -30.13
N GLU B 64 11.42 15.48 -29.15
CA GLU B 64 11.79 16.87 -29.39
C GLU B 64 12.85 16.94 -30.51
N LYS B 65 13.93 16.18 -30.38
CA LYS B 65 14.96 16.11 -31.44
C LYS B 65 14.45 15.68 -32.82
N LEU B 66 13.29 15.03 -32.90
CA LEU B 66 12.71 14.64 -34.19
C LEU B 66 11.71 15.65 -34.79
N VAL B 67 11.17 16.59 -34.00
CA VAL B 67 10.30 17.62 -34.61
C VAL B 67 11.20 18.55 -35.43
N GLU B 68 12.35 18.87 -34.86
CA GLU B 68 13.32 19.78 -35.47
C GLU B 68 13.65 19.37 -36.90
N LYS B 69 13.90 18.08 -37.11
CA LYS B 69 14.36 17.60 -38.43
C LYS B 69 13.18 17.35 -39.34
N LYS B 70 12.04 16.99 -38.77
CA LYS B 70 10.81 16.85 -39.54
C LYS B 70 10.37 18.20 -40.13
N GLU B 71 10.35 19.27 -39.33
CA GLU B 71 10.00 20.61 -39.86
C GLU B 71 10.96 21.02 -40.97
N TYR B 72 12.24 20.71 -40.83
CA TYR B 72 13.24 21.01 -41.86
C TYR B 72 12.98 20.22 -43.14
N LEU B 73 12.71 18.92 -43.03
CA LEU B 73 12.30 18.13 -44.21
C LEU B 73 11.02 18.67 -44.85
N GLN B 74 10.08 19.09 -44.03
CA GLN B 74 8.82 19.67 -44.53
C GLN B 74 9.03 20.94 -45.32
N GLU B 75 9.91 21.80 -44.85
CA GLU B 75 10.21 23.05 -45.50
C GLU B 75 10.93 22.82 -46.84
N GLN B 76 11.91 21.92 -46.85
CA GLN B 76 12.61 21.57 -48.11
C GLN B 76 11.68 20.93 -49.15
N LEU B 77 10.84 20.01 -48.70
CA LEU B 77 9.80 19.48 -49.58
C LEU B 77 8.84 20.58 -50.08
N GLU B 78 8.37 21.44 -49.21
CA GLU B 78 7.46 22.51 -49.65
C GLU B 78 8.11 23.42 -50.70
N GLN B 79 9.37 23.78 -50.47
CA GLN B 79 10.13 24.62 -51.40
C GLN B 79 10.42 23.94 -52.72
N LEU B 80 10.62 22.63 -52.69
CA LEU B 80 10.87 21.90 -53.92
C LEU B 80 9.60 21.71 -54.70
N GLN B 81 8.50 21.43 -54.00
CA GLN B 81 7.19 21.46 -54.62
C GLN B 81 6.88 22.83 -55.27
N ARG B 82 7.21 23.94 -54.63
CA ARG B 82 6.97 25.27 -55.26
C ARG B 82 7.77 25.51 -56.56
N GLU B 83 8.95 24.90 -56.69
CA GLU B 83 9.75 25.05 -57.90
C GLU B 83 9.21 24.23 -59.05
N PHE B 84 8.89 22.97 -58.78
CA PHE B 84 8.35 22.08 -59.80
C PHE B 84 7.00 22.59 -60.37
N ASN B 85 6.11 23.05 -59.50
CA ASN B 85 4.82 23.68 -59.90
C ASN B 85 4.97 24.95 -60.78
N LYS B 86 6.09 25.66 -60.61
CA LYS B 86 6.41 26.86 -61.40
C LYS B 86 6.87 26.48 -62.80
N LEU B 87 7.80 25.52 -62.87
CA LEU B 87 8.49 25.19 -64.10
C LEU B 87 8.08 23.80 -64.59
N ARG C 2 -10.44 -25.09 40.59
CA ARG C 2 -10.37 -24.90 39.10
C ARG C 2 -9.65 -26.06 38.41
N GLY C 3 -8.43 -26.34 38.86
CA GLY C 3 -7.54 -27.27 38.15
C GLY C 3 -6.79 -26.60 37.00
N ARG C 4 -5.66 -27.20 36.64
CA ARG C 4 -4.86 -26.73 35.52
C ARG C 4 -5.73 -26.57 34.28
N TRP C 5 -5.36 -25.69 33.37
CA TRP C 5 -6.12 -25.57 32.13
C TRP C 5 -5.19 -25.42 30.93
N ALA C 6 -5.60 -26.02 29.83
CA ALA C 6 -4.83 -26.06 28.57
C ALA C 6 -5.32 -24.89 27.75
N CYS C 7 -4.43 -24.00 27.37
CA CYS C 7 -4.81 -22.87 26.52
C CYS C 7 -5.32 -23.39 25.19
N GLN C 8 -6.47 -22.88 24.75
CA GLN C 8 -7.11 -23.39 23.51
C GLN C 8 -6.46 -22.85 22.25
N SER C 9 -5.53 -21.93 22.38
CA SER C 9 -4.86 -21.32 21.23
C SER C 9 -3.43 -21.88 21.02
N CYS C 10 -2.66 -22.04 22.08
CA CYS C 10 -1.25 -22.49 21.97
C CYS C 10 -1.01 -23.85 22.61
N THR C 11 -2.02 -24.36 23.31
CA THR C 11 -2.02 -25.67 23.95
C THR C 11 -1.17 -25.81 25.20
N PHE C 12 -0.67 -24.71 25.72
CA PHE C 12 0.13 -24.69 26.95
C PHE C 12 -0.78 -25.00 28.15
N GLU C 13 -0.27 -25.82 29.07
CA GLU C 13 -0.98 -26.21 30.27
C GLU C 13 -0.64 -25.19 31.32
N ASN C 14 -1.66 -24.44 31.76
CA ASN C 14 -1.45 -23.37 32.71
C ASN C 14 -1.82 -23.81 34.11
N GLU C 15 -1.27 -23.14 35.11
CA GLU C 15 -1.71 -23.28 36.50
C GLU C 15 -3.19 -22.87 36.70
N ALA C 16 -3.83 -23.46 37.70
CA ALA C 16 -5.23 -23.17 38.02
C ALA C 16 -5.50 -21.69 38.28
N ALA C 17 -4.65 -21.05 39.07
CA ALA C 17 -4.79 -19.65 39.36
C ALA C 17 -4.58 -18.70 38.17
N ALA C 18 -3.97 -19.14 37.08
CA ALA C 18 -3.64 -18.21 35.99
C ALA C 18 -4.88 -17.67 35.29
N VAL C 19 -4.84 -16.37 35.06
CA VAL C 19 -5.86 -15.62 34.41
C VAL C 19 -5.59 -15.47 32.89
N LEU C 20 -4.32 -15.31 32.53
CA LEU C 20 -3.88 -15.28 31.13
C LEU C 20 -2.96 -16.49 30.86
N CYS C 21 -2.90 -16.96 29.61
CA CYS C 21 -1.97 -18.03 29.29
C CYS C 21 -0.54 -17.56 29.54
N SER C 22 0.28 -18.37 30.17
CA SER C 22 1.66 -17.91 30.47
C SER C 22 2.47 -17.58 29.23
N ILE C 23 2.14 -18.24 28.11
CA ILE C 23 2.95 -18.15 26.91
C ILE C 23 2.45 -17.20 25.85
N CYS C 24 1.19 -17.33 25.43
CA CYS C 24 0.58 -16.45 24.43
C CYS C 24 -0.23 -15.28 25.02
N GLU C 25 -0.35 -15.27 26.34
CA GLU C 25 -1.07 -14.28 27.12
C GLU C 25 -2.56 -14.16 26.93
N ARG C 26 -3.17 -15.05 26.15
CA ARG C 26 -4.60 -15.03 25.94
C ARG C 26 -5.40 -15.40 27.21
N PRO C 27 -6.54 -14.73 27.42
CA PRO C 27 -7.34 -15.03 28.64
C PRO C 27 -7.82 -16.48 28.67
N ARG C 28 -8.02 -17.01 29.86
CA ARG C 28 -8.49 -18.41 30.06
C ARG C 28 -9.76 -18.79 29.28
N LEU C 29 -10.73 -17.88 29.19
CA LEU C 29 -12.02 -18.18 28.59
C LEU C 29 -12.17 -17.75 27.13
N ALA C 30 -11.11 -17.25 26.52
CA ALA C 30 -11.19 -16.68 25.18
C ALA C 30 -11.26 -17.78 24.13
ZN ZN D . -1.61 -19.84 25.12
#